data_6EAV
#
_entry.id   6EAV
#
_cell.length_a   54.256
_cell.length_b   54.256
_cell.length_c   181.195
_cell.angle_alpha   90.00
_cell.angle_beta   90.00
_cell.angle_gamma   90.00
#
_symmetry.space_group_name_H-M   'P 41 21 2'
#
loop_
_entity.id
_entity.type
_entity.pdbx_description
1 polymer 'Cationic trypsin'
2 polymer CYS-THR-LYS
3 non-polymer 'CALCIUM ION'
4 water water
#
loop_
_entity_poly.entity_id
_entity_poly.type
_entity_poly.pdbx_seq_one_letter_code
_entity_poly.pdbx_strand_id
1 'polypeptide(L)'
;IVGGYTCGANTVPYQVSLNSGYHFCGGSLINSQWVVSAAHCYKSGIQVRLGEDNINVVEGNEQFISASKSIVHPSYNSNT
LNNDIMLIKLKSAASLNSRVASISLPTSCASAGTQCLISGWGNTKSSGTSYPDVLKCLKAPILSDSSCKSAYPGQITSNM
FCAGYLEGGKDSCQGDSGGPVVCSGKLQGIVSWGSGCAQKNKPGVYTKVCNYVSWIKQTIASN
;
A
2 'polypeptide(L)' CTK I
#
loop_
_chem_comp.id
_chem_comp.type
_chem_comp.name
_chem_comp.formula
CA non-polymer 'CALCIUM ION' 'Ca 2'
#
# COMPACT_ATOMS: atom_id res chain seq x y z
N ILE A 1 -1.72 -3.87 -10.42
CA ILE A 1 -3.19 -3.71 -10.45
C ILE A 1 -3.76 -4.39 -11.70
N VAL A 2 -4.68 -5.35 -11.51
CA VAL A 2 -5.35 -6.05 -12.60
C VAL A 2 -6.75 -5.47 -12.74
N GLY A 3 -7.14 -5.13 -13.96
CA GLY A 3 -8.50 -4.67 -14.21
C GLY A 3 -8.77 -3.25 -13.78
N GLY A 4 -7.73 -2.45 -13.55
CA GLY A 4 -7.85 -1.07 -13.15
C GLY A 4 -7.72 -0.13 -14.34
N TYR A 5 -7.30 1.11 -14.04
CA TYR A 5 -7.21 2.16 -15.05
C TYR A 5 -6.00 3.03 -14.73
N THR A 6 -5.53 3.76 -15.75
CA THR A 6 -4.43 4.70 -15.54
C THR A 6 -4.90 5.84 -14.66
N CYS A 7 -4.24 6.03 -13.52
CA CYS A 7 -4.69 7.04 -12.56
C CYS A 7 -4.68 8.43 -13.19
N GLY A 8 -3.62 8.77 -13.88
CA GLY A 8 -3.37 10.14 -14.29
C GLY A 8 -2.24 10.68 -13.44
N ALA A 9 -1.32 11.39 -14.09
CA ALA A 9 -0.07 11.78 -13.44
C ALA A 9 -0.33 12.56 -12.16
N ASN A 10 0.22 12.07 -11.05
CA ASN A 10 0.23 12.76 -9.76
C ASN A 10 -1.16 12.94 -9.17
N THR A 11 -2.15 12.17 -9.64
CA THR A 11 -3.49 12.21 -9.07
C THR A 11 -3.60 11.44 -7.76
N VAL A 12 -2.57 10.68 -7.38
CA VAL A 12 -2.51 9.95 -6.13
C VAL A 12 -1.25 10.45 -5.45
N PRO A 13 -1.26 11.70 -4.93
CA PRO A 13 0.01 12.35 -4.57
C PRO A 13 0.69 11.76 -3.34
N TYR A 14 0.02 10.88 -2.60
CA TYR A 14 0.61 10.20 -1.45
C TYR A 14 1.25 8.86 -1.83
N GLN A 15 1.09 8.43 -3.08
CA GLN A 15 1.67 7.17 -3.52
C GLN A 15 3.17 7.32 -3.71
N VAL A 16 3.93 6.40 -3.13
CA VAL A 16 5.37 6.36 -3.31
C VAL A 16 5.78 5.05 -3.97
N SER A 17 6.92 5.09 -4.66
CA SER A 17 7.59 3.90 -5.16
C SER A 17 8.85 3.69 -4.32
N LEU A 18 9.04 2.48 -3.81
CA LEU A 18 10.27 2.10 -3.15
C LEU A 18 11.21 1.47 -4.17
N ASN A 19 12.44 2.00 -4.24
CA ASN A 19 13.40 1.63 -5.26
C ASN A 19 14.69 1.14 -4.63
N SER A 20 15.17 -0.02 -5.08
CA SER A 20 16.45 -0.56 -4.67
C SER A 20 17.28 -0.90 -5.89
N GLY A 21 17.25 -0.03 -6.89
CA GLY A 21 17.77 -0.32 -8.21
C GLY A 21 16.69 -0.49 -9.25
N TYR A 22 15.46 -0.66 -8.77
CA TYR A 22 14.25 -0.92 -9.54
CA TYR A 22 14.25 -0.90 -9.54
C TYR A 22 13.10 -0.74 -8.57
N HIS A 23 11.91 -0.48 -9.09
CA HIS A 23 10.72 -0.47 -8.26
C HIS A 23 10.46 -1.85 -7.68
N PHE A 24 10.29 -1.96 -6.36
CA PHE A 24 9.97 -3.25 -5.77
C PHE A 24 8.76 -3.26 -4.86
N CYS A 25 8.21 -2.12 -4.47
CA CYS A 25 7.04 -2.06 -3.61
C CYS A 25 6.52 -0.64 -3.65
N GLY A 26 5.27 -0.50 -3.23
CA GLY A 26 4.68 0.80 -3.00
C GLY A 26 4.75 1.19 -1.54
N GLY A 27 4.25 2.39 -1.27
CA GLY A 27 4.14 2.93 0.06
C GLY A 27 3.26 4.17 0.01
N SER A 28 3.01 4.73 1.20
CA SER A 28 2.15 5.90 1.34
C SER A 28 2.86 6.92 2.21
N LEU A 29 2.87 8.17 1.75
CA LEU A 29 3.46 9.26 2.51
C LEU A 29 2.48 9.72 3.58
N ILE A 30 2.89 9.68 4.84
CA ILE A 30 1.98 10.10 5.91
C ILE A 30 2.39 11.42 6.58
N ASN A 31 3.62 11.86 6.42
CA ASN A 31 4.02 13.23 6.70
C ASN A 31 5.29 13.48 5.90
N SER A 32 5.87 14.68 6.05
CA SER A 32 6.98 15.00 5.18
C SER A 32 8.22 14.12 5.40
N GLN A 33 8.32 13.38 6.49
CA GLN A 33 9.51 12.57 6.72
CA GLN A 33 9.50 12.57 6.79
C GLN A 33 9.24 11.09 6.89
N TRP A 34 8.00 10.62 6.73
CA TRP A 34 7.67 9.23 7.01
C TRP A 34 6.74 8.62 5.97
N VAL A 35 7.05 7.37 5.63
CA VAL A 35 6.29 6.54 4.71
C VAL A 35 5.83 5.28 5.44
N VAL A 36 4.59 4.82 5.16
CA VAL A 36 4.08 3.54 5.64
CA VAL A 36 4.10 3.54 5.64
C VAL A 36 4.10 2.56 4.47
N SER A 37 4.55 1.35 4.73
CA SER A 37 4.55 0.31 3.70
C SER A 37 4.26 -1.02 4.39
N ALA A 38 4.47 -2.13 3.66
CA ALA A 38 4.29 -3.47 4.21
C ALA A 38 5.60 -3.97 4.80
N ALA A 39 5.51 -4.64 5.94
CA ALA A 39 6.70 -5.27 6.52
C ALA A 39 7.36 -6.24 5.56
N HIS A 40 6.56 -6.97 4.78
CA HIS A 40 7.18 -7.93 3.86
C HIS A 40 7.98 -7.26 2.75
N CYS A 41 7.84 -5.93 2.58
CA CYS A 41 8.65 -5.17 1.64
C CYS A 41 10.02 -4.81 2.20
N TYR A 42 10.28 -5.08 3.48
CA TYR A 42 11.55 -4.68 4.09
C TYR A 42 12.73 -5.16 3.27
N LYS A 43 13.69 -4.26 3.06
CA LYS A 43 15.02 -4.62 2.59
C LYS A 43 15.93 -3.44 2.92
N SER A 44 17.23 -3.70 2.84
CA SER A 44 18.19 -2.61 3.00
C SER A 44 18.33 -1.82 1.70
N GLY A 45 18.83 -0.59 1.83
CA GLY A 45 19.12 0.19 0.64
C GLY A 45 17.92 0.75 -0.08
N ILE A 46 16.93 1.25 0.66
CA ILE A 46 15.71 1.77 0.08
C ILE A 46 15.89 3.25 -0.27
N GLN A 47 15.53 3.60 -1.51
CA GLN A 47 15.28 4.98 -1.89
C GLN A 47 13.79 5.17 -2.10
N VAL A 48 13.23 6.18 -1.44
CA VAL A 48 11.82 6.52 -1.57
C VAL A 48 11.69 7.48 -2.75
N ARG A 49 10.78 7.19 -3.66
CA ARG A 49 10.55 8.01 -4.84
C ARG A 49 9.13 8.56 -4.78
N LEU A 50 9.04 9.87 -4.56
CA LEU A 50 7.78 10.60 -4.46
CA LEU A 50 7.79 10.62 -4.45
C LEU A 50 7.54 11.36 -5.74
N GLY A 51 6.28 11.68 -5.99
CA GLY A 51 5.92 12.45 -7.16
C GLY A 51 6.04 11.70 -8.47
N GLU A 52 6.02 10.37 -8.44
CA GLU A 52 6.20 9.55 -9.62
C GLU A 52 4.88 9.35 -10.35
N ASP A 53 4.96 9.39 -11.69
CA ASP A 53 3.97 8.75 -12.54
C ASP A 53 4.65 7.63 -13.32
N ASN A 54 5.36 7.97 -14.38
CA ASN A 54 6.16 6.99 -15.11
C ASN A 54 7.46 6.72 -14.34
N ILE A 55 7.59 5.49 -13.79
CA ILE A 55 8.75 5.15 -12.97
C ILE A 55 10.03 4.96 -13.77
N ASN A 56 9.95 4.97 -15.11
CA ASN A 56 11.12 4.80 -15.96
C ASN A 56 11.55 6.07 -16.67
N VAL A 57 10.90 7.20 -16.40
CA VAL A 57 11.20 8.49 -17.05
C VAL A 57 11.16 9.58 -16.00
N VAL A 58 12.19 10.41 -15.97
CA VAL A 58 12.15 11.60 -15.11
C VAL A 58 11.26 12.63 -15.80
N GLU A 59 10.13 12.94 -15.16
CA GLU A 59 9.14 13.84 -15.72
C GLU A 59 9.13 15.21 -15.05
N GLY A 60 9.82 15.38 -13.92
CA GLY A 60 10.07 16.71 -13.38
C GLY A 60 9.32 17.03 -12.11
N ASN A 61 8.57 16.09 -11.54
CA ASN A 61 7.91 16.31 -10.27
C ASN A 61 8.39 15.33 -9.21
N GLU A 62 9.36 14.48 -9.55
CA GLU A 62 9.88 13.52 -8.61
C GLU A 62 10.72 14.17 -7.51
N GLN A 63 10.70 13.54 -6.35
CA GLN A 63 11.68 13.73 -5.29
C GLN A 63 12.20 12.36 -4.90
N PHE A 64 13.52 12.20 -4.90
CA PHE A 64 14.16 10.95 -4.57
C PHE A 64 14.89 11.15 -3.25
N ILE A 65 14.50 10.42 -2.22
CA ILE A 65 15.04 10.61 -0.88
C ILE A 65 15.35 9.25 -0.29
N SER A 66 16.59 9.06 0.15
CA SER A 66 16.98 7.78 0.74
C SER A 66 16.34 7.62 2.11
N ALA A 67 16.09 6.37 2.47
CA ALA A 67 15.63 6.07 3.82
C ALA A 67 16.80 6.22 4.79
N SER A 68 16.52 6.82 5.94
CA SER A 68 17.48 6.81 7.04
C SER A 68 17.26 5.69 8.04
N LYS A 69 16.02 5.22 8.18
CA LYS A 69 15.69 4.19 9.15
C LYS A 69 14.44 3.47 8.66
N SER A 70 14.44 2.15 8.79
CA SER A 70 13.24 1.34 8.60
C SER A 70 12.87 0.69 9.93
N ILE A 71 11.56 0.63 10.20
CA ILE A 71 11.04 0.01 11.42
C ILE A 71 9.91 -0.94 11.01
N VAL A 72 10.22 -2.22 10.99
CA VAL A 72 9.19 -3.25 10.83
C VAL A 72 8.42 -3.37 12.15
N HIS A 73 7.10 -3.57 12.04
CA HIS A 73 6.29 -3.71 13.24
C HIS A 73 6.90 -4.75 14.17
N PRO A 74 6.94 -4.50 15.48
CA PRO A 74 7.57 -5.47 16.38
C PRO A 74 6.95 -6.85 16.32
N SER A 75 5.67 -6.94 16.01
CA SER A 75 4.96 -8.21 16.01
C SER A 75 4.77 -8.79 14.62
N TYR A 76 5.42 -8.25 13.60
CA TYR A 76 5.28 -8.79 12.26
C TYR A 76 5.60 -10.27 12.26
N ASN A 77 4.68 -11.04 11.67
CA ASN A 77 4.73 -12.49 11.60
C ASN A 77 4.87 -12.88 10.12
N SER A 78 6.08 -13.23 9.71
CA SER A 78 6.33 -13.55 8.30
C SER A 78 5.68 -14.87 7.90
N ASN A 79 5.28 -15.71 8.87
CA ASN A 79 4.62 -16.97 8.57
C ASN A 79 3.18 -16.75 8.13
N THR A 80 2.46 -15.89 8.83
CA THR A 80 1.03 -15.68 8.62
C THR A 80 0.73 -14.36 7.94
N LEU A 81 1.72 -13.47 7.85
CA LEU A 81 1.60 -12.07 7.41
C LEU A 81 0.80 -11.19 8.36
N ASN A 82 0.56 -11.66 9.58
CA ASN A 82 -0.04 -10.80 10.59
C ASN A 82 0.89 -9.62 10.91
N ASN A 83 0.28 -8.44 11.06
CA ASN A 83 0.99 -7.19 11.35
C ASN A 83 1.93 -6.80 10.21
N ASP A 84 1.45 -6.88 8.97
CA ASP A 84 2.29 -6.62 7.79
C ASP A 84 2.34 -5.12 7.55
N ILE A 85 3.18 -4.45 8.33
CA ILE A 85 3.28 -2.99 8.28
C ILE A 85 4.68 -2.58 8.72
N MET A 86 5.21 -1.54 8.07
CA MET A 86 6.50 -0.99 8.45
CA MET A 86 6.54 -1.02 8.33
C MET A 86 6.51 0.48 8.16
N LEU A 87 7.37 1.17 8.91
CA LEU A 87 7.57 2.61 8.75
C LEU A 87 8.97 2.87 8.22
N ILE A 88 9.07 3.89 7.38
CA ILE A 88 10.35 4.29 6.77
C ILE A 88 10.52 5.78 6.99
N LYS A 89 11.62 6.16 7.63
CA LYS A 89 11.93 7.57 7.82
C LYS A 89 12.87 8.02 6.71
N LEU A 90 12.58 9.19 6.18
CA LEU A 90 13.37 9.78 5.10
C LEU A 90 14.56 10.58 5.67
N LYS A 91 15.67 10.53 4.95
CA LYS A 91 16.87 11.26 5.40
C LYS A 91 16.66 12.76 5.45
N SER A 92 15.77 13.28 4.60
CA SER A 92 15.41 14.69 4.60
C SER A 92 13.90 14.81 4.39
N ALA A 93 13.33 15.90 4.89
CA ALA A 93 11.91 16.14 4.70
C ALA A 93 11.60 16.40 3.24
N ALA A 94 10.59 15.71 2.73
CA ALA A 94 10.08 16.01 1.41
C ALA A 94 9.47 17.41 1.40
N SER A 95 9.48 18.03 0.22
CA SER A 95 8.79 19.29 0.00
CA SER A 95 8.79 19.29 0.00
C SER A 95 7.37 18.98 -0.44
N LEU A 96 6.39 19.32 0.40
CA LEU A 96 5.01 18.99 0.10
C LEU A 96 4.41 20.02 -0.85
N ASN A 97 3.65 19.54 -1.83
CA ASN A 97 3.04 20.36 -2.87
C ASN A 97 1.85 19.59 -3.41
N SER A 98 1.21 20.11 -4.47
CA SER A 98 0.00 19.44 -4.96
C SER A 98 0.27 18.02 -5.47
N ARG A 99 1.50 17.71 -5.87
CA ARG A 99 1.84 16.42 -6.45
C ARG A 99 2.53 15.49 -5.48
N VAL A 100 2.91 15.99 -4.31
CA VAL A 100 3.57 15.22 -3.27
C VAL A 100 2.89 15.64 -1.96
N ALA A 101 2.02 14.76 -1.44
CA ALA A 101 1.16 15.14 -0.34
C ALA A 101 0.94 13.93 0.54
N SER A 102 0.74 14.19 1.81
CA SER A 102 0.50 13.11 2.75
CA SER A 102 0.49 13.14 2.79
C SER A 102 -0.97 12.70 2.73
N ILE A 103 -1.19 11.46 3.17
CA ILE A 103 -2.54 10.90 3.33
C ILE A 103 -2.83 10.77 4.83
N SER A 104 -4.04 11.16 5.22
CA SER A 104 -4.42 11.12 6.62
CA SER A 104 -4.42 11.12 6.62
CA SER A 104 -4.42 11.12 6.62
C SER A 104 -4.57 9.69 7.13
N LEU A 105 -4.17 9.48 8.38
CA LEU A 105 -4.42 8.20 9.02
C LEU A 105 -5.89 8.14 9.48
N PRO A 106 -6.45 6.95 9.62
CA PRO A 106 -7.84 6.86 10.05
C PRO A 106 -7.98 7.18 11.53
N THR A 107 -9.17 7.65 11.91
CA THR A 107 -9.54 7.80 13.31
C THR A 107 -10.50 6.72 13.76
N SER A 108 -11.11 6.02 12.82
CA SER A 108 -11.86 4.81 13.12
C SER A 108 -11.74 3.89 11.93
N CYS A 109 -12.08 2.63 12.14
CA CYS A 109 -11.97 1.64 11.09
C CYS A 109 -13.08 1.86 10.07
N ALA A 110 -12.89 1.30 8.88
CA ALA A 110 -13.88 1.40 7.82
C ALA A 110 -14.79 0.18 7.84
N SER A 111 -15.96 0.34 7.26
CA SER A 111 -16.96 -0.73 7.29
C SER A 111 -17.12 -1.37 5.92
N ALA A 112 -17.67 -2.59 5.95
CA ALA A 112 -17.90 -3.34 4.73
C ALA A 112 -18.79 -2.54 3.79
N GLY A 113 -18.45 -2.58 2.51
CA GLY A 113 -19.17 -1.87 1.49
C GLY A 113 -18.58 -0.52 1.12
N THR A 114 -17.71 0.04 1.96
CA THR A 114 -17.09 1.32 1.63
C THR A 114 -16.19 1.15 0.43
N GLN A 115 -16.29 2.09 -0.50
CA GLN A 115 -15.47 2.07 -1.70
C GLN A 115 -14.12 2.70 -1.39
N CYS A 116 -13.07 2.07 -1.88
CA CYS A 116 -11.71 2.53 -1.66
C CYS A 116 -10.94 2.60 -2.98
N LEU A 117 -9.86 3.38 -2.96
CA LEU A 117 -8.94 3.51 -4.08
C LEU A 117 -7.64 2.78 -3.77
N ILE A 118 -7.29 1.82 -4.61
CA ILE A 118 -6.07 1.01 -4.49
C ILE A 118 -5.20 1.33 -5.69
N SER A 119 -3.89 1.53 -5.48
CA SER A 119 -3.05 2.01 -6.57
C SER A 119 -1.67 1.36 -6.47
N GLY A 120 -1.00 1.31 -7.61
CA GLY A 120 0.35 0.78 -7.66
C GLY A 120 0.86 0.55 -9.06
N TRP A 121 2.13 0.14 -9.10
CA TRP A 121 2.83 -0.22 -10.34
C TRP A 121 3.02 -1.72 -10.49
N GLY A 122 2.18 -2.51 -9.85
CA GLY A 122 2.29 -3.95 -9.92
C GLY A 122 1.76 -4.55 -11.22
N ASN A 123 1.90 -5.87 -11.32
CA ASN A 123 1.45 -6.63 -12.48
C ASN A 123 0.01 -6.30 -12.83
N THR A 124 -0.24 -6.19 -14.14
CA THR A 124 -1.59 -5.93 -14.66
C THR A 124 -2.26 -7.18 -15.24
N LYS A 125 -1.62 -8.35 -15.17
CA LYS A 125 -2.20 -9.58 -15.73
C LYS A 125 -2.53 -10.55 -14.61
N SER A 126 -3.71 -11.15 -14.68
CA SER A 126 -4.09 -12.20 -13.75
C SER A 126 -3.50 -13.54 -14.14
N SER A 127 -3.08 -13.69 -15.39
CA SER A 127 -2.39 -14.88 -15.87
C SER A 127 -1.35 -14.39 -16.86
N GLY A 128 -0.09 -14.45 -16.47
CA GLY A 128 0.98 -13.85 -17.22
C GLY A 128 1.58 -12.70 -16.46
N THR A 129 2.38 -11.91 -17.17
CA THR A 129 3.20 -10.88 -16.53
C THR A 129 3.28 -9.67 -17.45
N SER A 130 2.84 -8.52 -16.95
CA SER A 130 3.05 -7.25 -17.65
C SER A 130 3.11 -6.15 -16.60
N TYR A 131 4.27 -5.51 -16.51
CA TYR A 131 4.44 -4.48 -15.49
C TYR A 131 4.35 -3.10 -16.11
N PRO A 132 3.47 -2.23 -15.60
CA PRO A 132 3.26 -0.92 -16.22
C PRO A 132 4.34 0.08 -15.81
N ASP A 133 4.45 1.11 -16.62
CA ASP A 133 5.33 2.22 -16.29
C ASP A 133 4.62 3.34 -15.53
N VAL A 134 3.34 3.58 -15.82
CA VAL A 134 2.57 4.64 -15.18
C VAL A 134 1.70 4.02 -14.10
N LEU A 135 1.29 4.85 -13.15
CA LEU A 135 0.55 4.39 -11.99
C LEU A 135 -0.86 3.94 -12.37
N LYS A 136 -1.27 2.80 -11.81
CA LYS A 136 -2.60 2.23 -12.05
C LYS A 136 -3.44 2.32 -10.78
N CYS A 137 -4.75 2.38 -10.99
CA CYS A 137 -5.73 2.63 -9.94
C CYS A 137 -6.89 1.65 -10.09
N LEU A 138 -7.52 1.36 -8.96
CA LEU A 138 -8.67 0.47 -8.91
C LEU A 138 -9.59 0.92 -7.79
N LYS A 139 -10.88 1.07 -8.09
CA LYS A 139 -11.86 1.32 -7.05
C LYS A 139 -12.44 -0.03 -6.64
N ALA A 140 -12.47 -0.30 -5.33
CA ALA A 140 -12.88 -1.61 -4.86
C ALA A 140 -13.54 -1.47 -3.50
N PRO A 141 -14.58 -2.24 -3.22
CA PRO A 141 -15.23 -2.18 -1.91
C PRO A 141 -14.60 -3.10 -0.89
N ILE A 142 -14.65 -2.66 0.36
CA ILE A 142 -14.29 -3.53 1.49
C ILE A 142 -15.32 -4.66 1.60
N LEU A 143 -14.84 -5.88 1.79
CA LEU A 143 -15.71 -7.02 1.97
C LEU A 143 -15.91 -7.29 3.45
N SER A 144 -17.03 -7.91 3.78
CA SER A 144 -17.28 -8.27 5.17
C SER A 144 -16.17 -9.22 5.67
N ASP A 145 -15.91 -9.15 6.97
CA ASP A 145 -14.97 -10.07 7.60
C ASP A 145 -15.40 -11.52 7.38
N SER A 146 -16.71 -11.81 7.47
CA SER A 146 -17.20 -13.15 7.21
CA SER A 146 -17.19 -13.16 7.21
C SER A 146 -16.86 -13.62 5.81
N SER A 147 -17.01 -12.75 4.81
CA SER A 147 -16.70 -13.14 3.44
CA SER A 147 -16.71 -13.13 3.44
C SER A 147 -15.21 -13.35 3.26
N CYS A 148 -14.40 -12.51 3.87
CA CYS A 148 -12.96 -12.64 3.82
C CYS A 148 -12.50 -13.98 4.40
N LYS A 149 -13.03 -14.33 5.57
CA LYS A 149 -12.67 -15.60 6.22
C LYS A 149 -13.22 -16.80 5.44
N SER A 150 -14.36 -16.62 4.78
CA SER A 150 -14.88 -17.70 3.93
C SER A 150 -13.96 -17.92 2.74
N ALA A 151 -13.40 -16.85 2.19
CA ALA A 151 -12.54 -16.99 1.03
C ALA A 151 -11.20 -17.60 1.39
N TYR A 152 -10.71 -17.32 2.60
CA TYR A 152 -9.37 -17.72 3.02
C TYR A 152 -9.46 -18.42 4.37
N PRO A 153 -10.00 -19.64 4.40
CA PRO A 153 -10.22 -20.32 5.69
C PRO A 153 -8.92 -20.44 6.49
N GLY A 154 -8.99 -20.06 7.75
CA GLY A 154 -7.89 -20.22 8.68
C GLY A 154 -6.74 -19.27 8.48
N GLN A 155 -6.84 -18.27 7.59
CA GLN A 155 -5.73 -17.42 7.22
C GLN A 155 -5.94 -15.95 7.54
N ILE A 156 -7.13 -15.52 7.92
CA ILE A 156 -7.42 -14.11 8.15
C ILE A 156 -7.35 -13.80 9.64
N THR A 157 -6.52 -12.83 10.00
CA THR A 157 -6.44 -12.37 11.37
C THR A 157 -7.24 -11.07 11.55
N SER A 158 -7.33 -10.65 12.82
CA SER A 158 -8.00 -9.41 13.19
C SER A 158 -7.32 -8.18 12.59
N ASN A 159 -6.12 -8.33 12.03
CA ASN A 159 -5.35 -7.23 11.46
C ASN A 159 -5.38 -7.22 9.93
N MET A 160 -6.37 -7.88 9.33
CA MET A 160 -6.48 -8.04 7.90
C MET A 160 -7.92 -7.80 7.49
N PHE A 161 -8.09 -7.24 6.32
CA PHE A 161 -9.40 -7.21 5.68
C PHE A 161 -9.25 -7.49 4.20
N CYS A 162 -10.36 -7.92 3.60
CA CYS A 162 -10.41 -8.17 2.18
C CYS A 162 -11.11 -7.01 1.49
N ALA A 163 -10.70 -6.74 0.26
CA ALA A 163 -11.38 -5.77 -0.58
C ALA A 163 -11.26 -6.24 -2.02
N GLY A 164 -12.25 -5.94 -2.83
CA GLY A 164 -12.27 -6.38 -4.20
C GLY A 164 -13.59 -6.99 -4.60
N TYR A 165 -13.50 -8.03 -5.40
CA TYR A 165 -14.63 -8.59 -6.10
C TYR A 165 -14.50 -10.11 -6.10
N LEU A 166 -15.48 -10.78 -5.51
CA LEU A 166 -15.46 -12.24 -5.48
C LEU A 166 -15.54 -12.85 -6.88
N GLU A 167 -16.09 -12.13 -7.86
CA GLU A 167 -16.14 -12.65 -9.22
C GLU A 167 -14.78 -12.65 -9.89
N GLY A 168 -13.81 -11.97 -9.33
CA GLY A 168 -12.48 -11.88 -9.91
C GLY A 168 -12.40 -10.78 -10.94
N GLY A 169 -11.22 -10.66 -11.57
CA GLY A 169 -11.01 -9.73 -12.65
C GLY A 169 -10.45 -8.38 -12.26
N LYS A 170 -10.59 -7.99 -11.00
CA LYS A 170 -10.14 -6.68 -10.53
C LYS A 170 -9.48 -6.86 -9.17
N ASP A 171 -8.20 -6.52 -9.06
CA ASP A 171 -7.46 -6.85 -7.84
C ASP A 171 -6.11 -6.13 -7.86
N SER A 172 -5.46 -6.07 -6.71
CA SER A 172 -4.05 -5.72 -6.67
C SER A 172 -3.23 -6.97 -6.98
N CYS A 173 -1.92 -6.78 -7.18
CA CYS A 173 -1.08 -7.89 -7.60
C CYS A 173 0.36 -7.65 -7.20
N GLN A 174 1.23 -8.61 -7.53
CA GLN A 174 2.65 -8.49 -7.21
C GLN A 174 3.21 -7.18 -7.75
N GLY A 175 3.96 -6.48 -6.90
CA GLY A 175 4.49 -5.16 -7.18
C GLY A 175 3.65 -4.02 -6.64
N ASP A 176 2.41 -4.29 -6.24
CA ASP A 176 1.57 -3.32 -5.58
C ASP A 176 1.77 -3.32 -4.06
N SER A 177 2.40 -4.36 -3.53
CA SER A 177 2.53 -4.52 -2.09
C SER A 177 3.12 -3.29 -1.45
N GLY A 178 2.64 -3.03 -0.23
CA GLY A 178 3.04 -1.87 0.51
C GLY A 178 2.27 -0.61 0.17
N GLY A 179 1.54 -0.60 -0.95
CA GLY A 179 0.84 0.59 -1.37
C GLY A 179 -0.49 0.78 -0.68
N PRO A 180 -1.14 1.89 -1.03
CA PRO A 180 -2.31 2.38 -0.28
C PRO A 180 -3.64 1.78 -0.72
N VAL A 181 -4.50 1.64 0.30
CA VAL A 181 -5.95 1.50 0.14
C VAL A 181 -6.57 2.68 0.88
N VAL A 182 -7.15 3.63 0.15
CA VAL A 182 -7.65 4.88 0.71
C VAL A 182 -9.17 4.92 0.58
N CYS A 183 -9.85 5.17 1.69
CA CYS A 183 -11.31 5.13 1.74
C CYS A 183 -11.75 6.39 2.45
N SER A 184 -12.59 7.18 1.80
CA SER A 184 -13.09 8.44 2.39
C SER A 184 -11.92 9.31 2.89
N GLY A 185 -10.85 9.37 2.12
CA GLY A 185 -9.74 10.25 2.44
C GLY A 185 -8.82 9.78 3.55
N LYS A 186 -8.94 8.53 4.00
CA LYS A 186 -8.08 7.97 5.04
C LYS A 186 -7.38 6.72 4.53
N LEU A 187 -6.14 6.52 4.96
CA LEU A 187 -5.39 5.31 4.64
C LEU A 187 -5.88 4.18 5.53
N GLN A 188 -6.73 3.31 4.98
CA GLN A 188 -7.28 2.20 5.75
C GLN A 188 -6.55 0.88 5.51
N GLY A 189 -5.84 0.74 4.40
CA GLY A 189 -5.22 -0.53 4.09
C GLY A 189 -3.85 -0.37 3.45
N ILE A 190 -3.08 -1.45 3.55
CA ILE A 190 -1.79 -1.63 2.87
C ILE A 190 -1.89 -2.91 2.04
N VAL A 191 -1.55 -2.82 0.76
CA VAL A 191 -1.54 -4.03 -0.08
C VAL A 191 -0.61 -5.07 0.57
N SER A 192 -1.17 -6.26 0.87
CA SER A 192 -0.43 -7.27 1.63
C SER A 192 -0.30 -8.59 0.86
N TRP A 193 -1.38 -9.34 0.64
CA TRP A 193 -1.25 -10.66 0.02
C TRP A 193 -2.56 -11.10 -0.60
N GLY A 194 -2.49 -12.24 -1.29
CA GLY A 194 -3.68 -12.90 -1.83
C GLY A 194 -3.27 -14.23 -2.45
N SER A 195 -4.27 -14.97 -2.93
CA SER A 195 -3.99 -16.20 -3.66
C SER A 195 -4.10 -15.88 -5.15
N GLY A 196 -2.96 -15.81 -5.84
CA GLY A 196 -2.97 -15.32 -7.19
C GLY A 196 -3.40 -13.86 -7.19
N CYS A 197 -3.88 -13.40 -8.36
CA CYS A 197 -4.41 -12.06 -8.50
C CYS A 197 -5.65 -12.10 -9.36
N ALA A 198 -6.71 -11.42 -8.90
CA ALA A 198 -7.94 -11.28 -9.67
C ALA A 198 -8.61 -12.63 -9.93
N GLN A 199 -8.34 -13.62 -9.08
CA GLN A 199 -8.97 -14.93 -9.22
C GLN A 199 -10.33 -14.92 -8.53
N LYS A 200 -11.25 -15.74 -9.08
CA LYS A 200 -12.56 -15.92 -8.47
C LYS A 200 -12.42 -16.38 -7.03
N ASN A 201 -13.17 -15.74 -6.14
CA ASN A 201 -13.26 -16.11 -4.73
C ASN A 201 -11.94 -15.95 -3.97
N LYS A 202 -11.01 -15.18 -4.52
CA LYS A 202 -9.71 -14.92 -3.89
C LYS A 202 -9.43 -13.42 -3.95
N PRO A 203 -10.16 -12.62 -3.16
CA PRO A 203 -9.95 -11.17 -3.17
C PRO A 203 -8.63 -10.81 -2.52
N GLY A 204 -8.25 -9.54 -2.70
CA GLY A 204 -7.02 -9.07 -2.09
C GLY A 204 -7.17 -8.95 -0.59
N VAL A 205 -6.08 -9.22 0.12
CA VAL A 205 -6.02 -9.10 1.57
C VAL A 205 -5.09 -7.94 1.92
N TYR A 206 -5.52 -7.12 2.88
CA TYR A 206 -4.91 -5.83 3.17
C TYR A 206 -4.69 -5.68 4.66
N THR A 207 -3.57 -5.07 5.03
CA THR A 207 -3.31 -4.77 6.43
C THR A 207 -4.29 -3.71 6.91
N LYS A 208 -4.90 -3.96 8.07
CA LYS A 208 -5.93 -3.07 8.64
C LYS A 208 -5.27 -1.94 9.42
N VAL A 209 -5.00 -0.83 8.71
CA VAL A 209 -4.22 0.29 9.26
C VAL A 209 -4.82 0.87 10.53
N CYS A 210 -6.16 0.87 10.64
CA CYS A 210 -6.77 1.50 11.81
C CYS A 210 -6.34 0.85 13.12
N ASN A 211 -5.83 -0.37 13.07
CA ASN A 211 -5.37 -1.06 14.28
C ASN A 211 -3.97 -0.62 14.71
N TYR A 212 -3.29 0.20 13.89
CA TYR A 212 -1.88 0.55 14.10
C TYR A 212 -1.65 2.04 14.34
N VAL A 213 -2.71 2.84 14.45
CA VAL A 213 -2.53 4.29 14.50
C VAL A 213 -1.74 4.71 15.72
N SER A 214 -1.98 4.11 16.87
CA SER A 214 -1.24 4.49 18.07
CA SER A 214 -1.24 4.48 18.08
C SER A 214 0.24 4.15 17.94
N TRP A 215 0.55 2.98 17.38
CA TRP A 215 1.94 2.61 17.17
C TRP A 215 2.60 3.55 16.18
N ILE A 216 1.91 3.88 15.09
CA ILE A 216 2.49 4.80 14.10
C ILE A 216 2.79 6.15 14.76
N LYS A 217 1.82 6.72 15.47
CA LYS A 217 2.03 8.04 16.04
C LYS A 217 3.13 8.03 17.07
N GLN A 218 3.16 7.03 17.95
CA GLN A 218 4.17 7.01 18.99
C GLN A 218 5.55 6.77 18.40
N THR A 219 5.65 5.89 17.41
CA THR A 219 6.95 5.62 16.78
C THR A 219 7.50 6.87 16.10
N ILE A 220 6.64 7.60 15.38
CA ILE A 220 7.09 8.83 14.72
C ILE A 220 7.51 9.85 15.76
N ALA A 221 6.74 9.99 16.83
CA ALA A 221 7.04 10.99 17.85
C ALA A 221 8.39 10.73 18.50
N SER A 222 8.81 9.47 18.60
CA SER A 222 10.03 9.11 19.31
C SER A 222 11.23 8.92 18.41
N ASN A 223 11.08 9.11 17.10
CA ASN A 223 12.15 8.83 16.15
C ASN A 223 12.36 9.98 15.19
N CYS B 1 2.53 -15.75 -2.26
N CYS B 1 0.23 -15.84 -1.50
CA CYS B 1 1.21 -15.09 -2.02
CA CYS B 1 1.38 -15.13 -2.13
C CYS B 1 1.35 -13.62 -1.68
C CYS B 1 1.41 -13.66 -1.73
N THR B 2 2.52 -13.20 -1.18
CA THR B 2 2.72 -11.79 -0.90
C THR B 2 2.73 -11.03 -2.22
N LYS B 3 2.24 -9.81 -2.19
CA LYS B 3 2.17 -9.04 -3.43
C LYS B 3 3.34 -8.06 -3.54
CA CA C . 9.32 9.37 -13.18
#